data_1XU1
#
_entry.id   1XU1
#
_cell.length_a   59.339
_cell.length_b   91.839
_cell.length_c   102.268
_cell.angle_alpha   90.00
_cell.angle_beta   90.00
_cell.angle_gamma   90.00
#
_symmetry.space_group_name_H-M   'P 21 21 21'
#
loop_
_entity.id
_entity.type
_entity.pdbx_description
1 polymer 'Tumor necrosis factor ligand superfamily member 13'
2 polymer 'Tumor necrosis factor receptor superfamily member 13B'
3 non-polymer 'NICKEL (II) ION'
4 water water
#
loop_
_entity_poly.entity_id
_entity_poly.type
_entity_poly.pdbx_seq_one_letter_code
_entity_poly.pdbx_strand_id
1 'polypeptide(L)'
;KKHSVLHLVPVNITSKADSDVTEVMWQPVLRRGRGLEAQGDIVRVWDTGIYLLYSQVLFHDVTFTMGQVVSREGQGRRET
LFRCIRSMPSDPDRAYNSCYSAGVFHLHQGDIITVKIPRANAKLSLSPHGTFLGFVKL
;
A,B,D
2 'polypeptide(L)' SLSCRKEQGKFYDHLLRDCISCASICGQHPKQCAYFCENKLR R,S,T
#
# COMPACT_ATOMS: atom_id res chain seq x y z
N LYS A 2 -24.42 0.37 16.25
CA LYS A 2 -23.67 -0.51 15.30
C LYS A 2 -23.08 0.32 14.15
N HIS A 3 -21.82 0.06 13.80
CA HIS A 3 -21.12 0.91 12.85
C HIS A 3 -21.69 0.76 11.43
N SER A 4 -21.99 1.91 10.83
CA SER A 4 -22.40 1.94 9.44
C SER A 4 -21.20 1.60 8.54
N VAL A 5 -21.43 0.77 7.53
CA VAL A 5 -20.41 0.39 6.57
C VAL A 5 -20.93 0.45 5.13
N LEU A 6 -20.00 0.72 4.21
CA LEU A 6 -20.29 0.74 2.78
C LEU A 6 -19.06 0.30 2.02
N HIS A 7 -19.15 -0.80 1.28
CA HIS A 7 -18.03 -1.26 0.45
C HIS A 7 -18.51 -1.25 -0.99
N LEU A 8 -17.74 -0.59 -1.86
CA LEU A 8 -18.12 -0.32 -3.24
C LEU A 8 -17.12 -0.94 -4.18
N VAL A 9 -17.61 -1.44 -5.30
CA VAL A 9 -16.78 -1.98 -6.38
C VAL A 9 -17.19 -1.34 -7.72
N PRO A 10 -16.32 -1.40 -8.73
CA PRO A 10 -16.63 -0.77 -10.01
C PRO A 10 -17.75 -1.43 -10.77
N VAL A 11 -18.54 -0.61 -11.46
CA VAL A 11 -19.46 -1.10 -12.48
C VAL A 11 -19.09 -0.55 -13.87
N ASN A 12 -18.35 0.56 -13.90
CA ASN A 12 -17.93 1.16 -15.16
C ASN A 12 -16.84 2.20 -14.91
N ILE A 13 -16.40 2.84 -15.98
CA ILE A 13 -15.34 3.81 -15.94
C ILE A 13 -15.72 5.01 -16.83
N THR A 14 -15.27 6.20 -16.47
CA THR A 14 -15.54 7.38 -17.30
C THR A 14 -14.31 8.27 -17.42
N SER A 15 -14.06 8.77 -18.63
CA SER A 15 -13.04 9.78 -18.84
C SER A 15 -13.55 10.68 -19.96
N LYS A 16 -14.00 11.88 -19.59
CA LYS A 16 -14.56 12.83 -20.56
C LYS A 16 -13.49 13.29 -21.55
N ALA A 17 -13.92 13.54 -22.79
CA ALA A 17 -13.05 14.06 -23.84
C ALA A 17 -12.47 15.41 -23.40
N ASP A 18 -11.21 15.67 -23.73
CA ASP A 18 -10.57 16.94 -23.37
C ASP A 18 -10.32 17.11 -21.87
N SER A 19 -10.60 16.10 -21.06
CA SER A 19 -10.25 16.14 -19.64
C SER A 19 -8.93 15.39 -19.46
N ASP A 20 -8.35 15.55 -18.28
CA ASP A 20 -7.18 14.77 -17.87
C ASP A 20 -7.50 14.00 -16.60
N VAL A 21 -8.69 13.41 -16.57
CA VAL A 21 -9.20 12.72 -15.40
C VAL A 21 -9.97 11.46 -15.83
N THR A 22 -9.79 10.41 -15.05
CA THR A 22 -10.55 9.18 -15.13
C THR A 22 -11.19 8.91 -13.78
N GLU A 23 -12.45 8.48 -13.80
CA GLU A 23 -13.21 8.21 -12.60
C GLU A 23 -13.93 6.86 -12.76
N VAL A 24 -14.26 6.25 -11.63
CA VAL A 24 -14.92 4.95 -11.60
C VAL A 24 -16.36 5.17 -11.17
N MET A 25 -17.29 4.47 -11.81
CA MET A 25 -18.69 4.41 -11.39
C MET A 25 -18.81 3.24 -10.41
N TRP A 26 -19.40 3.50 -9.24
CA TRP A 26 -19.41 2.56 -8.13
C TRP A 26 -20.78 1.93 -7.91
N GLN A 27 -20.76 0.68 -7.45
CA GLN A 27 -21.98 -0.01 -7.02
C GLN A 27 -21.71 -0.62 -5.64
N PRO A 28 -22.67 -0.53 -4.72
CA PRO A 28 -22.52 -1.15 -3.41
C PRO A 28 -22.56 -2.68 -3.44
N VAL A 29 -21.67 -3.32 -2.69
CA VAL A 29 -21.77 -4.78 -2.47
C VAL A 29 -21.95 -5.15 -1.00
N LEU A 30 -21.72 -4.21 -0.10
CA LEU A 30 -21.98 -4.40 1.33
C LEU A 30 -22.45 -3.09 1.91
N ARG A 31 -23.57 -3.13 2.63
CA ARG A 31 -24.15 -1.93 3.23
C ARG A 31 -24.82 -2.28 4.55
N ARG A 32 -24.49 -1.52 5.58
CA ARG A 32 -25.20 -1.52 6.85
C ARG A 32 -25.35 -0.07 7.31
N GLY A 33 -26.54 0.33 7.74
CA GLY A 33 -26.79 1.72 8.12
C GLY A 33 -27.01 2.61 6.90
N ARG A 34 -27.24 3.91 7.12
CA ARG A 34 -27.86 4.75 6.08
C ARG A 34 -27.22 6.12 5.75
N GLY A 35 -26.03 6.39 6.28
CA GLY A 35 -25.45 7.73 6.20
C GLY A 35 -24.60 8.09 4.98
N LEU A 36 -24.45 7.17 4.04
CA LEU A 36 -23.69 7.38 2.81
C LEU A 36 -24.41 6.74 1.63
N GLU A 37 -24.26 7.32 0.44
CA GLU A 37 -24.93 6.78 -0.75
C GLU A 37 -24.10 7.02 -1.99
N ALA A 38 -23.76 5.95 -2.69
CA ALA A 38 -23.07 6.07 -3.96
C ALA A 38 -24.03 6.68 -4.98
N GLN A 39 -23.52 7.66 -5.74
CA GLN A 39 -24.26 8.34 -6.81
C GLN A 39 -23.36 8.36 -8.03
N GLY A 40 -23.22 7.21 -8.69
CA GLY A 40 -22.38 7.07 -9.86
C GLY A 40 -20.91 7.14 -9.52
N ASP A 41 -20.27 8.22 -9.95
CA ASP A 41 -18.83 8.39 -9.75
C ASP A 41 -18.46 9.10 -8.43
N ILE A 42 -19.46 9.53 -7.66
CA ILE A 42 -19.24 10.14 -6.36
C ILE A 42 -20.00 9.43 -5.26
N VAL A 43 -19.64 9.72 -4.01
CA VAL A 43 -20.39 9.24 -2.86
C VAL A 43 -20.91 10.43 -2.06
N ARG A 44 -22.20 10.41 -1.76
CA ARG A 44 -22.85 11.49 -1.04
C ARG A 44 -22.87 11.21 0.45
N VAL A 45 -22.54 12.23 1.24
CA VAL A 45 -22.56 12.11 2.69
C VAL A 45 -23.86 12.70 3.20
N TRP A 46 -24.65 11.89 3.90
CA TRP A 46 -25.91 12.34 4.48
C TRP A 46 -25.82 12.55 5.99
N ASP A 47 -24.89 11.87 6.65
CA ASP A 47 -24.73 11.94 8.11
C ASP A 47 -23.34 12.49 8.48
N THR A 48 -23.31 13.65 9.13
CA THR A 48 -22.05 14.20 9.62
C THR A 48 -21.39 13.24 10.61
N GLY A 49 -20.08 13.09 10.53
CA GLY A 49 -19.36 12.26 11.48
C GLY A 49 -17.94 11.99 11.08
N ILE A 50 -17.29 11.13 11.86
CA ILE A 50 -15.93 10.68 11.60
C ILE A 50 -15.99 9.34 10.89
N TYR A 51 -15.33 9.24 9.74
CA TYR A 51 -15.34 8.02 8.94
C TYR A 51 -13.93 7.55 8.64
N LEU A 52 -13.74 6.24 8.70
CA LEU A 52 -12.60 5.58 8.06
C LEU A 52 -12.93 5.40 6.58
N LEU A 53 -12.06 5.92 5.72
CA LEU A 53 -12.19 5.86 4.26
C LEU A 53 -10.99 5.07 3.77
N TYR A 54 -11.21 4.10 2.89
CA TYR A 54 -10.11 3.34 2.24
C TYR A 54 -10.39 3.19 0.75
N SER A 55 -9.31 3.16 -0.03
CA SER A 55 -9.41 3.15 -1.48
C SER A 55 -8.24 2.38 -2.08
N GLN A 56 -8.54 1.43 -2.97
CA GLN A 56 -7.52 0.73 -3.75
C GLN A 56 -7.85 0.85 -5.22
N VAL A 57 -6.82 1.08 -6.04
CA VAL A 57 -6.98 1.00 -7.48
C VAL A 57 -5.87 0.12 -7.99
N LEU A 58 -6.22 -0.80 -8.89
CA LEU A 58 -5.23 -1.67 -9.54
C LEU A 58 -5.00 -1.16 -10.96
N PHE A 59 -3.75 -0.79 -11.25
CA PHE A 59 -3.36 -0.20 -12.52
C PHE A 59 -2.63 -1.23 -13.38
N HIS A 60 -2.92 -1.23 -14.67
CA HIS A 60 -2.15 -1.94 -15.67
C HIS A 60 -1.83 -0.92 -16.77
N ASP A 61 -0.80 -0.13 -16.53
CA ASP A 61 -0.55 1.09 -17.30
C ASP A 61 0.94 1.45 -17.21
N VAL A 62 1.57 1.76 -18.35
CA VAL A 62 3.01 2.08 -18.33
C VAL A 62 3.29 3.56 -18.06
N THR A 63 2.24 4.35 -17.82
CA THR A 63 2.41 5.77 -17.52
C THR A 63 3.31 5.93 -16.30
N PHE A 64 4.22 6.90 -16.38
CA PHE A 64 5.36 6.98 -15.44
C PHE A 64 4.98 6.89 -13.96
N THR A 65 3.92 7.59 -13.59
CA THR A 65 3.30 7.42 -12.29
C THR A 65 1.81 7.32 -12.48
N MET A 66 1.20 6.50 -11.64
CA MET A 66 -0.25 6.37 -11.57
C MET A 66 -0.67 6.44 -10.11
N GLY A 67 -1.93 6.72 -9.91
CA GLY A 67 -2.45 6.83 -8.55
C GLY A 67 -3.79 7.51 -8.52
N GLN A 68 -4.27 7.72 -7.31
CA GLN A 68 -5.59 8.30 -7.11
C GLN A 68 -5.57 9.40 -6.05
N VAL A 69 -6.51 10.31 -6.17
CA VAL A 69 -6.70 11.42 -5.26
C VAL A 69 -8.12 11.35 -4.70
N VAL A 70 -8.23 11.25 -3.39
CA VAL A 70 -9.53 11.19 -2.72
C VAL A 70 -9.78 12.54 -2.07
N SER A 71 -10.89 13.16 -2.44
CA SER A 71 -11.23 14.51 -2.00
C SER A 71 -12.65 14.60 -1.47
N ARG A 72 -12.88 15.63 -0.67
CA ARG A 72 -14.23 15.96 -0.25
C ARG A 72 -14.55 17.38 -0.71
N GLU A 73 -15.78 17.55 -1.19
CA GLU A 73 -16.27 18.83 -1.70
C GLU A 73 -17.54 19.16 -0.94
N GLY A 74 -17.58 20.33 -0.33
CA GLY A 74 -18.77 20.79 0.34
C GLY A 74 -18.62 22.25 0.72
N GLN A 75 -19.73 22.95 0.79
CA GLN A 75 -19.72 24.36 1.20
C GLN A 75 -18.81 25.22 0.30
N GLY A 76 -18.87 24.97 -1.00
CA GLY A 76 -18.11 25.73 -1.98
C GLY A 76 -16.61 25.49 -2.00
N ARG A 77 -16.14 24.51 -1.22
CA ARG A 77 -14.71 24.25 -1.05
C ARG A 77 -14.38 22.79 -1.38
N ARG A 78 -13.13 22.55 -1.75
CA ARG A 78 -12.61 21.22 -1.97
C ARG A 78 -11.41 21.00 -1.05
N GLU A 79 -11.30 19.80 -0.49
CA GLU A 79 -10.23 19.43 0.43
C GLU A 79 -9.69 18.06 0.00
N THR A 80 -8.39 17.94 -0.22
CA THR A 80 -7.81 16.62 -0.53
C THR A 80 -7.53 15.86 0.74
N LEU A 81 -8.09 14.66 0.87
CA LEU A 81 -7.92 13.85 2.07
C LEU A 81 -6.65 12.98 2.00
N PHE A 82 -6.49 12.21 0.93
CA PHE A 82 -5.25 11.49 0.71
C PHE A 82 -5.00 11.18 -0.77
N ARG A 83 -3.74 10.94 -1.08
CA ARG A 83 -3.30 10.54 -2.42
C ARG A 83 -2.50 9.24 -2.28
N CYS A 84 -2.55 8.40 -3.30
CA CYS A 84 -1.68 7.23 -3.39
C CYS A 84 -0.93 7.37 -4.73
N ILE A 85 0.39 7.13 -4.74
CA ILE A 85 1.21 7.30 -5.92
C ILE A 85 2.14 6.10 -6.11
N ARG A 86 2.18 5.57 -7.33
CA ARG A 86 3.01 4.42 -7.68
C ARG A 86 3.77 4.72 -8.95
N SER A 87 5.08 4.51 -8.93
CA SER A 87 5.88 4.59 -10.15
C SER A 87 5.63 3.28 -10.92
N MET A 88 5.55 3.36 -12.24
CA MET A 88 5.27 2.21 -13.07
C MET A 88 6.44 1.91 -13.99
N PRO A 89 6.69 0.63 -14.24
CA PRO A 89 7.68 0.24 -15.25
C PRO A 89 7.21 0.51 -16.69
N SER A 90 8.17 0.55 -17.61
CA SER A 90 7.88 0.88 -19.02
C SER A 90 7.44 -0.34 -19.87
N ASP A 91 7.58 -1.54 -19.34
CA ASP A 91 7.18 -2.76 -20.05
C ASP A 91 5.76 -3.14 -19.63
N PRO A 92 4.84 -3.27 -20.59
CA PRO A 92 3.44 -3.60 -20.24
C PRO A 92 3.25 -4.89 -19.44
N ASP A 93 4.01 -5.95 -19.68
CA ASP A 93 3.84 -7.21 -18.94
C ASP A 93 4.29 -7.10 -17.48
N ARG A 94 5.13 -6.10 -17.17
CA ARG A 94 5.55 -5.81 -15.80
C ARG A 94 4.71 -4.72 -15.13
N ALA A 95 3.94 -3.95 -15.91
CA ALA A 95 3.33 -2.72 -15.43
C ALA A 95 1.98 -2.95 -14.74
N TYR A 96 2.01 -3.74 -13.66
CA TYR A 96 0.86 -3.97 -12.79
C TYR A 96 1.26 -3.51 -11.38
N ASN A 97 0.43 -2.66 -10.75
CA ASN A 97 0.65 -2.23 -9.38
C ASN A 97 -0.69 -1.81 -8.79
N SER A 98 -1.00 -2.32 -7.60
CA SER A 98 -2.11 -1.80 -6.80
C SER A 98 -1.64 -0.61 -5.98
N CYS A 99 -2.58 0.28 -5.67
CA CYS A 99 -2.29 1.51 -4.93
C CYS A 99 -3.36 1.60 -3.87
N TYR A 100 -2.97 1.41 -2.61
CA TYR A 100 -3.89 1.47 -1.49
C TYR A 100 -3.55 2.64 -0.56
N SER A 101 -4.59 3.34 -0.09
CA SER A 101 -4.44 4.30 0.99
C SER A 101 -5.74 4.41 1.76
N ALA A 102 -5.66 4.99 2.94
CA ALA A 102 -6.81 5.09 3.81
C ALA A 102 -6.51 6.05 4.95
N GLY A 103 -7.57 6.50 5.61
CA GLY A 103 -7.41 7.33 6.79
C GLY A 103 -8.76 7.69 7.39
N VAL A 104 -8.71 8.36 8.52
CA VAL A 104 -9.90 8.77 9.27
C VAL A 104 -10.11 10.27 9.16
N PHE A 105 -11.32 10.67 8.77
CA PHE A 105 -11.61 12.06 8.42
C PHE A 105 -13.01 12.48 8.85
N HIS A 106 -13.14 13.73 9.24
CA HIS A 106 -14.45 14.31 9.51
C HIS A 106 -15.10 14.69 8.19
N LEU A 107 -16.32 14.18 7.97
CA LEU A 107 -17.14 14.48 6.81
C LEU A 107 -18.46 15.09 7.26
N HIS A 108 -18.93 16.10 6.53
CA HIS A 108 -20.15 16.79 6.87
C HIS A 108 -21.30 16.38 5.95
N GLN A 109 -22.52 16.38 6.49
CA GLN A 109 -23.73 16.21 5.70
C GLN A 109 -23.69 17.13 4.47
N GLY A 110 -24.00 16.57 3.30
CA GLY A 110 -24.02 17.31 2.04
C GLY A 110 -22.72 17.25 1.25
N ASP A 111 -21.66 16.73 1.86
CA ASP A 111 -20.37 16.62 1.20
C ASP A 111 -20.47 15.57 0.11
N ILE A 112 -19.58 15.69 -0.87
CA ILE A 112 -19.43 14.71 -1.94
C ILE A 112 -17.98 14.21 -1.82
N ILE A 113 -17.79 12.89 -1.86
CA ILE A 113 -16.45 12.29 -1.91
C ILE A 113 -16.17 11.86 -3.35
N THR A 114 -15.01 12.27 -3.87
CA THR A 114 -14.58 11.89 -5.22
C THR A 114 -13.28 11.10 -5.16
N VAL A 115 -13.14 10.14 -6.06
CA VAL A 115 -11.91 9.39 -6.25
C VAL A 115 -11.53 9.60 -7.71
N LYS A 116 -10.44 10.32 -7.95
CA LYS A 116 -10.05 10.70 -9.30
C LYS A 116 -8.64 10.20 -9.59
N ILE A 117 -8.46 9.65 -10.79
CA ILE A 117 -7.16 9.32 -11.34
C ILE A 117 -6.81 10.45 -12.30
N PRO A 118 -5.83 11.29 -11.95
CA PRO A 118 -5.53 12.47 -12.77
C PRO A 118 -4.75 12.23 -14.07
N ARG A 119 -5.22 11.26 -14.85
CA ARG A 119 -4.75 10.97 -16.20
C ARG A 119 -5.98 10.61 -17.04
N ALA A 120 -6.02 11.09 -18.28
CA ALA A 120 -7.07 10.71 -19.22
C ALA A 120 -6.91 9.24 -19.59
N ASN A 121 -8.04 8.54 -19.74
CA ASN A 121 -8.08 7.17 -20.23
C ASN A 121 -7.10 6.28 -19.48
N ALA A 122 -7.16 6.36 -18.16
CA ALA A 122 -6.29 5.56 -17.31
C ALA A 122 -6.70 4.11 -17.45
N LYS A 123 -5.72 3.22 -17.51
CA LYS A 123 -5.95 1.79 -17.65
C LYS A 123 -5.97 1.13 -16.27
N LEU A 124 -7.16 1.03 -15.72
CA LEU A 124 -7.33 0.43 -14.39
C LEU A 124 -8.25 -0.76 -14.50
N SER A 125 -8.10 -1.68 -13.55
CA SER A 125 -8.93 -2.87 -13.46
C SER A 125 -10.28 -2.54 -12.85
N LEU A 126 -11.33 -3.08 -13.45
CA LEU A 126 -12.67 -2.97 -12.92
C LEU A 126 -13.02 -4.18 -12.06
N SER A 127 -12.06 -5.07 -11.84
CA SER A 127 -12.23 -6.21 -10.95
C SER A 127 -12.61 -5.72 -9.56
N PRO A 128 -13.60 -6.35 -8.93
CA PRO A 128 -14.02 -5.96 -7.58
C PRO A 128 -12.99 -6.25 -6.49
N HIS A 129 -12.05 -7.16 -6.76
CA HIS A 129 -10.98 -7.46 -5.80
C HIS A 129 -9.68 -6.72 -6.13
N GLY A 130 -9.66 -5.97 -7.23
CA GLY A 130 -8.51 -5.14 -7.56
C GLY A 130 -8.71 -3.67 -7.23
N THR A 131 -9.93 -3.17 -7.50
CA THR A 131 -10.27 -1.77 -7.35
C THR A 131 -11.54 -1.68 -6.50
N PHE A 132 -11.48 -0.93 -5.42
CA PHE A 132 -12.59 -0.82 -4.48
C PHE A 132 -12.48 0.40 -3.57
N LEU A 133 -13.60 0.74 -2.93
CA LEU A 133 -13.70 1.93 -2.11
C LEU A 133 -14.64 1.60 -0.97
N GLY A 134 -14.28 2.00 0.24
CA GLY A 134 -15.17 1.75 1.37
C GLY A 134 -15.06 2.75 2.50
N PHE A 135 -16.05 2.64 3.39
CA PHE A 135 -16.29 3.62 4.45
C PHE A 135 -16.77 2.86 5.68
N VAL A 136 -16.27 3.25 6.85
CA VAL A 136 -16.82 2.79 8.12
C VAL A 136 -17.05 4.03 8.99
N LYS A 137 -18.28 4.24 9.43
CA LYS A 137 -18.56 5.33 10.35
C LYS A 137 -18.12 4.92 11.76
N LEU A 138 -17.27 5.73 12.39
CA LEU A 138 -16.77 5.41 13.75
C LEU A 138 -17.59 6.09 14.86
N LYS B 2 -18.01 6.32 19.81
CA LYS B 2 -17.28 6.30 21.11
C LYS B 2 -15.79 5.94 20.97
N HIS B 3 -15.23 6.10 19.76
CA HIS B 3 -13.85 5.70 19.52
C HIS B 3 -12.96 6.94 19.44
N SER B 4 -11.89 6.95 20.21
CA SER B 4 -10.91 8.04 20.18
C SER B 4 -10.11 7.94 18.88
N VAL B 5 -9.84 9.08 18.28
CA VAL B 5 -9.06 9.13 17.04
C VAL B 5 -8.06 10.27 17.06
N LEU B 6 -7.03 10.10 16.26
CA LEU B 6 -6.00 11.12 16.12
C LEU B 6 -5.40 10.94 14.75
N HIS B 7 -5.49 11.98 13.91
CA HIS B 7 -4.91 11.99 12.56
C HIS B 7 -3.90 13.16 12.56
N LEU B 8 -2.65 12.85 12.19
CA LEU B 8 -1.51 13.75 12.28
C LEU B 8 -0.87 13.94 10.90
N VAL B 9 -0.38 15.15 10.68
CA VAL B 9 0.33 15.50 9.45
C VAL B 9 1.66 16.21 9.76
N PRO B 10 2.60 16.21 8.82
CA PRO B 10 3.91 16.82 9.06
C PRO B 10 3.88 18.35 9.24
N VAL B 11 4.73 18.82 10.14
CA VAL B 11 5.08 20.23 10.17
C VAL B 11 6.51 20.47 9.67
N ASN B 12 7.37 19.47 9.87
CA ASN B 12 8.80 19.60 9.58
C ASN B 12 9.46 18.21 9.59
N ILE B 13 10.61 18.09 8.95
CA ILE B 13 11.40 16.87 9.06
C ILE B 13 12.73 17.17 9.75
N THR B 14 13.24 16.20 10.51
CA THR B 14 14.50 16.31 11.23
C THR B 14 15.42 15.14 10.87
N SER B 15 16.70 15.42 10.75
CA SER B 15 17.70 14.37 10.55
C SER B 15 19.02 14.88 11.07
N LYS B 16 19.44 14.37 12.22
CA LYS B 16 20.72 14.75 12.84
C LYS B 16 21.90 14.25 12.00
N ALA B 17 22.98 15.03 11.98
CA ALA B 17 24.11 14.81 11.05
C ALA B 17 24.72 13.42 11.09
N ASP B 18 25.16 12.97 12.26
CA ASP B 18 25.87 11.69 12.38
C ASP B 18 24.90 10.51 12.61
N SER B 19 23.68 10.64 12.10
CA SER B 19 22.67 9.60 12.21
C SER B 19 22.29 9.10 10.80
N ASP B 20 21.68 7.93 10.75
CA ASP B 20 21.11 7.38 9.53
C ASP B 20 19.60 7.28 9.68
N VAL B 21 18.99 8.36 10.18
CA VAL B 21 17.55 8.34 10.40
C VAL B 21 16.94 9.73 10.15
N THR B 22 15.74 9.73 9.61
CA THR B 22 14.94 10.91 9.41
C THR B 22 13.61 10.69 10.15
N GLU B 23 13.19 11.68 10.92
CA GLU B 23 11.87 11.63 11.54
C GLU B 23 11.03 12.85 11.18
N VAL B 24 9.74 12.76 11.49
CA VAL B 24 8.77 13.80 11.20
C VAL B 24 8.27 14.41 12.54
N MET B 25 8.21 15.74 12.61
CA MET B 25 7.47 16.45 13.66
C MET B 25 6.00 16.52 13.22
N TRP B 26 5.10 15.99 14.04
CA TRP B 26 3.69 15.83 13.69
C TRP B 26 2.82 16.90 14.35
N GLN B 27 1.73 17.27 13.66
CA GLN B 27 0.70 18.17 14.19
C GLN B 27 -0.67 17.53 13.94
N PRO B 28 -1.54 17.47 14.95
CA PRO B 28 -2.90 16.96 14.74
C PRO B 28 -3.77 17.84 13.87
N VAL B 29 -4.49 17.21 12.96
CA VAL B 29 -5.55 17.88 12.21
C VAL B 29 -6.96 17.36 12.58
N LEU B 30 -7.02 16.22 13.26
CA LEU B 30 -8.26 15.69 13.80
C LEU B 30 -7.98 14.95 15.10
N ARG B 31 -8.71 15.32 16.14
CA ARG B 31 -8.58 14.71 17.47
C ARG B 31 -9.96 14.51 18.05
N ARG B 32 -10.25 13.30 18.52
CA ARG B 32 -11.44 13.02 19.30
C ARG B 32 -11.09 12.10 20.48
N GLY B 33 -11.61 12.42 21.66
CA GLY B 33 -11.47 11.55 22.82
C GLY B 33 -10.11 11.58 23.47
N ARG B 34 -9.96 10.71 24.47
CA ARG B 34 -8.75 10.67 25.30
C ARG B 34 -7.88 9.51 24.84
N GLY B 35 -6.59 9.60 25.17
CA GLY B 35 -5.71 8.44 25.09
C GLY B 35 -4.31 8.68 24.54
N LEU B 36 -4.16 9.69 23.69
CA LEU B 36 -2.93 9.89 22.93
C LEU B 36 -2.52 11.36 22.87
N GLU B 37 -1.22 11.62 22.72
CA GLU B 37 -0.70 12.98 22.61
C GLU B 37 0.56 13.04 21.77
N ALA B 38 0.48 13.78 20.67
CA ALA B 38 1.65 14.07 19.86
C ALA B 38 2.58 15.02 20.61
N GLN B 39 3.86 14.68 20.61
CA GLN B 39 4.90 15.45 21.29
C GLN B 39 6.08 15.48 20.34
N GLY B 40 5.96 16.35 19.32
CA GLY B 40 7.02 16.56 18.36
C GLY B 40 7.13 15.38 17.43
N ASP B 41 8.26 14.69 17.51
CA ASP B 41 8.53 13.58 16.59
C ASP B 41 8.00 12.21 17.05
N ILE B 42 7.39 12.17 18.24
CA ILE B 42 6.81 10.93 18.75
C ILE B 42 5.38 11.14 19.22
N VAL B 43 4.69 10.05 19.49
CA VAL B 43 3.36 10.08 20.08
C VAL B 43 3.39 9.34 21.40
N ARG B 44 2.80 9.94 22.43
CA ARG B 44 2.74 9.35 23.74
C ARG B 44 1.39 8.69 23.93
N VAL B 45 1.40 7.48 24.48
CA VAL B 45 0.17 6.78 24.87
C VAL B 45 -0.10 7.02 26.36
N TRP B 46 -1.25 7.60 26.67
CA TRP B 46 -1.69 7.78 28.06
C TRP B 46 -2.67 6.70 28.54
N ASP B 47 -3.44 6.09 27.63
CA ASP B 47 -4.43 5.08 28.02
C ASP B 47 -4.09 3.71 27.41
N THR B 48 -3.93 2.69 28.26
CA THR B 48 -3.68 1.35 27.78
C THR B 48 -4.88 0.87 26.98
N GLY B 49 -4.63 0.24 25.84
CA GLY B 49 -5.71 -0.33 25.05
C GLY B 49 -5.25 -0.92 23.74
N ILE B 50 -6.22 -1.30 22.92
CA ILE B 50 -5.93 -1.83 21.59
C ILE B 50 -6.23 -0.73 20.58
N TYR B 51 -5.25 -0.43 19.75
CA TYR B 51 -5.34 0.67 18.79
C TYR B 51 -5.08 0.20 17.36
N LEU B 52 -5.88 0.69 16.41
CA LEU B 52 -5.51 0.67 15.00
C LEU B 52 -4.51 1.80 14.77
N LEU B 53 -3.37 1.50 14.15
CA LEU B 53 -2.34 2.48 13.79
C LEU B 53 -2.13 2.42 12.29
N TYR B 54 -2.10 3.56 11.61
CA TYR B 54 -1.82 3.58 10.16
C TYR B 54 -0.84 4.70 9.85
N SER B 55 -0.05 4.51 8.80
CA SER B 55 1.04 5.40 8.47
C SER B 55 1.25 5.42 6.96
N GLN B 56 1.33 6.63 6.37
CA GLN B 56 1.77 6.78 4.98
C GLN B 56 2.92 7.78 4.91
N VAL B 57 3.89 7.49 4.05
CA VAL B 57 4.92 8.45 3.70
C VAL B 57 5.04 8.47 2.16
N LEU B 58 5.13 9.68 1.62
CA LEU B 58 5.30 9.89 0.20
C LEU B 58 6.75 10.31 -0.04
N PHE B 59 7.45 9.52 -0.83
CA PHE B 59 8.86 9.74 -1.15
C PHE B 59 9.05 10.24 -2.56
N HIS B 60 9.97 11.17 -2.73
CA HIS B 60 10.51 11.57 -4.04
C HIS B 60 12.04 11.46 -3.92
N ASP B 61 12.56 10.26 -4.16
CA ASP B 61 13.92 9.88 -3.73
C ASP B 61 14.36 8.69 -4.58
N VAL B 62 15.56 8.76 -5.16
CA VAL B 62 16.09 7.62 -5.94
C VAL B 62 16.82 6.56 -5.09
N THR B 63 16.87 6.75 -3.78
CA THR B 63 17.49 5.73 -2.91
C THR B 63 16.82 4.37 -3.15
N PHE B 64 17.65 3.32 -3.27
CA PHE B 64 17.24 2.02 -3.80
C PHE B 64 15.95 1.47 -3.18
N THR B 65 15.83 1.61 -1.86
CA THR B 65 14.59 1.37 -1.15
C THR B 65 14.38 2.47 -0.15
N MET B 66 13.11 2.79 0.04
CA MET B 66 12.67 3.77 1.03
C MET B 66 11.49 3.17 1.77
N GLY B 67 11.17 3.74 2.92
CA GLY B 67 10.08 3.27 3.70
C GLY B 67 10.18 3.76 5.13
N GLN B 68 9.34 3.22 5.98
CA GLN B 68 9.26 3.69 7.35
C GLN B 68 9.11 2.51 8.32
N VAL B 69 9.55 2.72 9.54
CA VAL B 69 9.49 1.72 10.61
C VAL B 69 8.68 2.35 11.74
N VAL B 70 7.60 1.70 12.12
CA VAL B 70 6.77 2.16 13.23
C VAL B 70 6.95 1.25 14.44
N SER B 71 7.33 1.83 15.58
CA SER B 71 7.74 1.06 16.75
C SER B 71 7.09 1.60 18.00
N ARG B 72 7.05 0.77 19.03
CA ARG B 72 6.63 1.18 20.36
C ARG B 72 7.76 0.91 21.35
N GLU B 73 7.93 1.83 22.30
CA GLU B 73 8.98 1.72 23.31
C GLU B 73 8.34 1.89 24.68
N GLY B 74 8.56 0.92 25.54
CA GLY B 74 8.09 1.00 26.92
C GLY B 74 8.59 -0.18 27.71
N GLN B 75 8.67 -0.03 29.03
CA GLN B 75 9.18 -1.08 29.93
C GLN B 75 10.60 -1.54 29.59
N GLY B 76 11.45 -0.58 29.21
CA GLY B 76 12.81 -0.87 28.82
C GLY B 76 13.00 -1.68 27.55
N ARG B 77 11.94 -1.85 26.76
CA ARG B 77 12.02 -2.60 25.51
C ARG B 77 11.46 -1.81 24.31
N ARG B 78 12.05 -2.02 23.16
CA ARG B 78 11.59 -1.50 21.88
C ARG B 78 11.04 -2.67 21.09
N GLU B 79 9.90 -2.45 20.44
CA GLU B 79 9.24 -3.48 19.65
C GLU B 79 8.80 -2.82 18.36
N THR B 80 9.25 -3.35 17.21
CA THR B 80 8.78 -2.90 15.90
C THR B 80 7.40 -3.46 15.62
N LEU B 81 6.46 -2.59 15.29
CA LEU B 81 5.06 -2.97 15.03
C LEU B 81 4.83 -3.35 13.56
N PHE B 82 5.23 -2.44 12.68
CA PHE B 82 5.22 -2.72 11.27
C PHE B 82 6.23 -1.86 10.51
N ARG B 83 6.58 -2.30 9.32
CA ARG B 83 7.30 -1.43 8.40
C ARG B 83 6.74 -1.54 7.00
N CYS B 84 7.04 -0.52 6.21
CA CYS B 84 6.58 -0.41 4.84
C CYS B 84 7.85 -0.18 4.01
N ILE B 85 7.99 -0.92 2.90
CA ILE B 85 9.19 -0.86 2.08
C ILE B 85 8.81 -0.75 0.60
N ARG B 86 9.44 0.21 -0.07
CA ARG B 86 9.19 0.44 -1.49
C ARG B 86 10.51 0.56 -2.23
N SER B 87 10.69 -0.25 -3.28
CA SER B 87 11.76 -0.07 -4.22
C SER B 87 11.52 1.21 -5.06
N MET B 88 12.58 1.98 -5.30
CA MET B 88 12.49 3.23 -6.05
C MET B 88 13.26 3.11 -7.36
N PRO B 89 12.77 3.75 -8.42
CA PRO B 89 13.52 3.76 -9.67
C PRO B 89 14.74 4.68 -9.57
N SER B 90 15.70 4.49 -10.46
CA SER B 90 16.95 5.27 -10.45
C SER B 90 16.79 6.65 -11.10
N ASP B 91 15.77 6.80 -11.92
CA ASP B 91 15.50 8.05 -12.65
C ASP B 91 14.73 8.99 -11.72
N PRO B 92 15.30 10.15 -11.37
CA PRO B 92 14.62 11.07 -10.44
C PRO B 92 13.25 11.55 -10.95
N ASP B 93 13.12 11.67 -12.26
CA ASP B 93 11.86 12.10 -12.88
C ASP B 93 10.72 11.10 -12.68
N ARG B 94 11.05 9.85 -12.36
CA ARG B 94 10.06 8.80 -12.11
C ARG B 94 9.98 8.37 -10.65
N ALA B 95 10.87 8.86 -9.80
CA ALA B 95 11.07 8.30 -8.46
C ALA B 95 10.12 8.86 -7.42
N TYR B 96 8.83 8.61 -7.62
CA TYR B 96 7.77 8.94 -6.68
C TYR B 96 7.06 7.66 -6.22
N ASN B 97 6.88 7.48 -4.92
CA ASN B 97 6.11 6.36 -4.41
C ASN B 97 5.62 6.68 -3.02
N SER B 98 4.36 6.37 -2.75
CA SER B 98 3.83 6.40 -1.40
C SER B 98 3.97 4.99 -0.81
N CYS B 99 4.06 4.92 0.51
CA CYS B 99 4.25 3.66 1.21
C CYS B 99 3.25 3.70 2.34
N TYR B 100 2.26 2.80 2.31
CA TYR B 100 1.22 2.74 3.35
C TYR B 100 1.29 1.39 4.07
N SER B 101 1.14 1.42 5.39
CA SER B 101 0.97 0.21 6.20
C SER B 101 0.16 0.54 7.45
N ALA B 102 -0.39 -0.49 8.07
CA ALA B 102 -1.26 -0.33 9.25
C ALA B 102 -1.42 -1.67 9.94
N GLY B 103 -1.90 -1.64 11.18
CA GLY B 103 -2.22 -2.85 11.91
C GLY B 103 -2.87 -2.49 13.25
N VAL B 104 -3.22 -3.51 14.01
CA VAL B 104 -3.90 -3.34 15.30
C VAL B 104 -2.97 -3.88 16.38
N PHE B 105 -2.72 -3.05 17.41
CA PHE B 105 -1.72 -3.33 18.41
C PHE B 105 -2.15 -2.98 19.82
N HIS B 106 -1.71 -3.79 20.78
CA HIS B 106 -1.87 -3.46 22.19
C HIS B 106 -0.80 -2.46 22.61
N LEU B 107 -1.24 -1.29 23.05
CA LEU B 107 -0.33 -0.24 23.52
C LEU B 107 -0.59 -0.02 25.02
N HIS B 108 0.49 0.27 25.76
CA HIS B 108 0.41 0.46 27.19
C HIS B 108 0.60 1.90 27.57
N GLN B 109 -0.02 2.30 28.68
CA GLN B 109 0.15 3.61 29.24
C GLN B 109 1.66 3.89 29.43
N GLY B 110 2.11 5.04 28.93
CA GLY B 110 3.49 5.46 29.06
C GLY B 110 4.36 5.14 27.85
N ASP B 111 3.83 4.33 26.93
CA ASP B 111 4.55 3.98 25.70
C ASP B 111 4.83 5.19 24.82
N ILE B 112 5.90 5.09 24.07
CA ILE B 112 6.29 6.04 23.05
C ILE B 112 6.16 5.35 21.69
N ILE B 113 5.45 5.97 20.75
CA ILE B 113 5.33 5.49 19.39
C ILE B 113 6.23 6.32 18.51
N THR B 114 7.13 5.67 17.77
CA THR B 114 8.06 6.35 16.86
C THR B 114 7.80 5.95 15.42
N VAL B 115 8.01 6.89 14.51
CA VAL B 115 7.98 6.62 13.07
C VAL B 115 9.30 7.14 12.53
N LYS B 116 10.12 6.23 12.02
CA LYS B 116 11.47 6.56 11.57
C LYS B 116 11.64 6.11 10.13
N ILE B 117 12.25 6.96 9.31
CA ILE B 117 12.76 6.56 8.00
C ILE B 117 14.25 6.29 8.20
N PRO B 118 14.69 5.02 8.11
CA PRO B 118 16.09 4.70 8.36
C PRO B 118 17.10 5.07 7.26
N ARG B 119 17.00 6.30 6.76
CA ARG B 119 18.03 6.92 5.93
C ARG B 119 18.18 8.37 6.37
N ALA B 120 19.43 8.84 6.40
CA ALA B 120 19.72 10.25 6.67
C ALA B 120 19.24 11.10 5.50
N ASN B 121 18.67 12.28 5.80
CA ASN B 121 18.28 13.23 4.78
C ASN B 121 17.34 12.60 3.73
N ALA B 122 16.33 11.87 4.22
CA ALA B 122 15.32 11.27 3.35
C ALA B 122 14.51 12.39 2.70
N LYS B 123 14.17 12.19 1.43
CA LYS B 123 13.44 13.21 0.67
C LYS B 123 11.99 12.80 0.65
N LEU B 124 11.24 13.32 1.60
CA LEU B 124 9.84 12.95 1.71
C LEU B 124 8.96 14.19 1.70
N SER B 125 7.71 14.00 1.30
CA SER B 125 6.77 15.08 1.12
C SER B 125 6.22 15.49 2.48
N LEU B 126 6.11 16.78 2.68
CA LEU B 126 5.45 17.29 3.88
C LEU B 126 3.95 17.51 3.63
N SER B 127 3.47 17.17 2.44
CA SER B 127 2.06 17.39 2.10
C SER B 127 1.16 16.62 3.06
N PRO B 128 0.13 17.23 3.65
CA PRO B 128 -0.71 16.51 4.62
C PRO B 128 -1.54 15.38 4.00
N HIS B 129 -1.72 15.39 2.68
CA HIS B 129 -2.38 14.26 2.00
C HIS B 129 -1.40 13.28 1.35
N GLY B 130 -0.10 13.55 1.43
CA GLY B 130 0.92 12.58 1.04
C GLY B 130 1.53 11.78 2.19
N THR B 131 1.71 12.41 3.34
CA THR B 131 2.40 11.80 4.49
C THR B 131 1.53 12.06 5.71
N PHE B 132 1.15 11.00 6.40
CA PHE B 132 0.29 11.14 7.57
C PHE B 132 0.38 9.93 8.49
N LEU B 133 -0.10 10.10 9.71
CA LEU B 133 -0.05 9.09 10.75
C LEU B 133 -1.36 9.16 11.53
N GLY B 134 -1.97 8.02 11.82
CA GLY B 134 -3.24 8.03 12.55
C GLY B 134 -3.45 6.85 13.51
N PHE B 135 -4.38 7.07 14.43
CA PHE B 135 -4.70 6.11 15.49
C PHE B 135 -6.21 6.09 15.68
N VAL B 136 -6.77 4.89 15.87
CA VAL B 136 -8.14 4.75 16.35
C VAL B 136 -8.12 3.79 17.53
N LYS B 137 -8.63 4.22 18.68
CA LYS B 137 -8.73 3.33 19.83
C LYS B 137 -9.93 2.42 19.66
N LEU B 138 -9.72 1.10 19.72
CA LEU B 138 -10.79 0.13 19.46
C LEU B 138 -11.47 -0.34 20.74
N LYS C 2 -17.19 -5.43 23.34
CA LYS C 2 -15.96 -4.89 22.68
C LYS C 2 -15.75 -5.54 21.32
N HIS C 3 -15.00 -4.86 20.46
CA HIS C 3 -14.68 -5.37 19.14
C HIS C 3 -13.65 -6.51 19.25
N SER C 4 -13.98 -7.67 18.72
CA SER C 4 -13.04 -8.78 18.67
C SER C 4 -11.88 -8.46 17.72
N VAL C 5 -10.69 -8.90 18.10
CA VAL C 5 -9.50 -8.69 17.29
C VAL C 5 -8.63 -9.93 17.23
N LEU C 6 -7.96 -10.09 16.09
CA LEU C 6 -6.95 -11.12 15.91
C LEU C 6 -5.84 -10.61 14.99
N HIS C 7 -4.62 -10.53 15.51
CA HIS C 7 -3.43 -10.17 14.72
C HIS C 7 -2.53 -11.41 14.64
N LEU C 8 -2.21 -11.82 13.41
CA LEU C 8 -1.42 -13.03 13.12
C LEU C 8 -0.13 -12.70 12.43
N VAL C 9 0.92 -13.45 12.75
CA VAL C 9 2.21 -13.34 12.08
C VAL C 9 2.71 -14.73 11.64
N PRO C 10 3.69 -14.78 10.75
CA PRO C 10 4.19 -16.07 10.26
C PRO C 10 4.93 -16.90 11.28
N VAL C 11 4.82 -18.21 11.12
CA VAL C 11 5.75 -19.14 11.74
C VAL C 11 6.63 -19.77 10.66
N ASN C 12 6.05 -20.04 9.50
CA ASN C 12 6.74 -20.70 8.39
C ASN C 12 5.95 -20.53 7.09
N ILE C 13 6.60 -20.76 5.95
CA ILE C 13 5.91 -20.75 4.64
C ILE C 13 5.95 -22.13 4.00
N THR C 14 4.89 -22.48 3.28
CA THR C 14 4.78 -23.76 2.61
C THR C 14 4.50 -23.58 1.13
N SER C 15 5.13 -24.42 0.30
CA SER C 15 4.80 -24.51 -1.12
C SER C 15 4.92 -25.96 -1.58
N LYS C 16 3.78 -26.54 -1.94
CA LYS C 16 3.71 -27.92 -2.44
C LYS C 16 4.53 -28.07 -3.73
N ALA C 17 5.19 -29.22 -3.86
CA ALA C 17 6.09 -29.50 -4.98
C ALA C 17 5.49 -29.24 -6.37
N ASP C 18 4.30 -29.77 -6.63
CA ASP C 18 3.68 -29.67 -7.94
C ASP C 18 2.60 -28.58 -7.99
N SER C 19 2.92 -27.42 -7.40
CA SER C 19 2.00 -26.30 -7.39
C SER C 19 2.68 -25.01 -7.83
N ASP C 20 1.86 -24.02 -8.11
CA ASP C 20 2.29 -22.65 -8.37
C ASP C 20 1.77 -21.71 -7.28
N VAL C 21 1.80 -22.17 -6.02
CA VAL C 21 1.30 -21.37 -4.88
C VAL C 21 2.18 -21.52 -3.63
N THR C 22 2.24 -20.45 -2.85
CA THR C 22 2.94 -20.40 -1.58
C THR C 22 1.96 -19.86 -0.53
N GLU C 23 1.93 -20.50 0.63
CA GLU C 23 1.07 -20.07 1.72
C GLU C 23 1.87 -19.88 3.01
N VAL C 24 1.26 -19.20 3.97
CA VAL C 24 1.90 -18.88 5.23
C VAL C 24 1.18 -19.62 6.33
N MET C 25 1.95 -20.28 7.21
CA MET C 25 1.43 -20.84 8.45
C MET C 25 1.42 -19.73 9.51
N TRP C 26 0.24 -19.44 10.07
CA TRP C 26 0.06 -18.27 10.94
C TRP C 26 0.07 -18.63 12.43
N GLN C 27 0.54 -17.70 13.25
CA GLN C 27 0.46 -17.78 14.71
C GLN C 27 -0.15 -16.49 15.27
N PRO C 28 -0.97 -16.59 16.33
CA PRO C 28 -1.58 -15.38 16.92
C PRO C 28 -0.63 -14.65 17.88
N VAL C 29 -0.56 -13.32 17.79
CA VAL C 29 0.21 -12.50 18.75
C VAL C 29 -0.66 -11.50 19.52
N LEU C 30 -1.90 -11.31 19.09
CA LEU C 30 -2.88 -10.50 19.81
C LEU C 30 -4.25 -11.09 19.55
N ARG C 31 -5.00 -11.30 20.62
CA ARG C 31 -6.36 -11.80 20.51
C ARG C 31 -7.24 -11.16 21.59
N ARG C 32 -8.39 -10.66 21.18
CA ARG C 32 -9.44 -10.26 22.09
C ARG C 32 -10.76 -10.82 21.57
N GLY C 33 -11.53 -11.45 22.45
CA GLY C 33 -12.77 -12.07 22.06
C GLY C 33 -12.56 -13.33 21.24
N ARG C 34 -13.65 -13.86 20.71
CA ARG C 34 -13.64 -15.11 19.98
C ARG C 34 -14.19 -14.88 18.58
N GLY C 35 -14.36 -15.97 17.83
CA GLY C 35 -15.03 -15.90 16.55
C GLY C 35 -14.15 -16.24 15.37
N LEU C 36 -12.83 -16.23 15.58
CA LEU C 36 -11.86 -16.60 14.55
C LEU C 36 -10.74 -17.43 15.16
N GLU C 37 -10.16 -18.32 14.35
CA GLU C 37 -9.07 -19.19 14.80
C GLU C 37 -8.19 -19.54 13.62
N ALA C 38 -6.90 -19.27 13.75
CA ALA C 38 -5.93 -19.74 12.76
C ALA C 38 -5.70 -21.23 12.95
N GLN C 39 -5.69 -21.96 11.84
CA GLN C 39 -5.40 -23.38 11.83
C GLN C 39 -4.47 -23.60 10.65
N GLY C 40 -3.17 -23.65 10.94
CA GLY C 40 -2.16 -23.78 9.91
C GLY C 40 -2.16 -22.62 8.92
N ASP C 41 -2.39 -22.94 7.66
CA ASP C 41 -2.28 -21.94 6.61
C ASP C 41 -3.60 -21.21 6.35
N ILE C 42 -4.64 -21.51 7.12
CA ILE C 42 -5.93 -20.83 6.96
C ILE C 42 -6.47 -20.28 8.28
N VAL C 43 -7.53 -19.49 8.18
CA VAL C 43 -8.23 -18.98 9.35
C VAL C 43 -9.70 -19.38 9.25
N ARG C 44 -10.22 -19.98 10.32
CA ARG C 44 -11.60 -20.43 10.40
C ARG C 44 -12.46 -19.33 10.98
N VAL C 45 -13.65 -19.12 10.41
CA VAL C 45 -14.62 -18.17 10.94
C VAL C 45 -15.65 -18.94 11.75
N TRP C 46 -15.76 -18.63 13.04
CA TRP C 46 -16.79 -19.23 13.88
C TRP C 46 -18.05 -18.36 14.02
N ASP C 47 -17.89 -17.05 14.01
CA ASP C 47 -19.00 -16.11 14.23
C ASP C 47 -19.27 -15.31 12.96
N THR C 48 -20.49 -15.40 12.44
CA THR C 48 -20.94 -14.56 11.33
C THR C 48 -20.88 -13.07 11.72
N GLY C 49 -20.43 -12.24 10.80
CA GLY C 49 -20.43 -10.80 11.03
C GLY C 49 -19.69 -10.02 9.97
N ILE C 50 -19.60 -8.70 10.17
CA ILE C 50 -18.81 -7.84 9.30
C ILE C 50 -17.44 -7.62 9.94
N TYR C 51 -16.39 -7.87 9.20
CA TYR C 51 -15.02 -7.75 9.71
C TYR C 51 -14.20 -6.87 8.82
N LEU C 52 -13.38 -6.03 9.43
CA LEU C 52 -12.22 -5.45 8.77
C LEU C 52 -11.11 -6.51 8.68
N LEU C 53 -10.57 -6.71 7.48
CA LEU C 53 -9.55 -7.71 7.21
C LEU C 53 -8.38 -7.00 6.56
N TYR C 54 -7.17 -7.13 7.11
CA TYR C 54 -6.00 -6.49 6.51
C TYR C 54 -4.86 -7.50 6.37
N SER C 55 -4.03 -7.31 5.35
CA SER C 55 -2.97 -8.24 5.01
C SER C 55 -1.78 -7.50 4.43
N GLN C 56 -0.60 -7.77 4.96
CA GLN C 56 0.64 -7.32 4.35
C GLN C 56 1.58 -8.50 4.14
N VAL C 57 2.26 -8.52 3.00
CA VAL C 57 3.37 -9.46 2.77
C VAL C 57 4.59 -8.64 2.32
N LEU C 58 5.75 -8.98 2.89
CA LEU C 58 7.01 -8.34 2.51
C LEU C 58 7.76 -9.34 1.64
N PHE C 59 7.96 -8.96 0.38
CA PHE C 59 8.68 -9.81 -0.59
C PHE C 59 10.12 -9.37 -0.76
N HIS C 60 11.01 -10.36 -0.86
CA HIS C 60 12.38 -10.18 -1.31
C HIS C 60 12.63 -11.17 -2.46
N ASP C 61 12.25 -10.75 -3.66
CA ASP C 61 12.06 -11.64 -4.79
C ASP C 61 12.11 -10.80 -6.09
N VAL C 62 12.93 -11.24 -7.06
CA VAL C 62 13.02 -10.53 -8.34
C VAL C 62 11.92 -10.91 -9.34
N THR C 63 11.04 -11.83 -8.97
CA THR C 63 9.97 -12.25 -9.87
C THR C 63 9.17 -11.01 -10.31
N PHE C 64 8.86 -10.92 -11.60
CA PHE C 64 8.43 -9.66 -12.23
C PHE C 64 7.31 -8.93 -11.50
N THR C 65 6.31 -9.68 -11.05
CA THR C 65 5.31 -9.18 -10.12
C THR C 65 5.12 -10.17 -8.98
N MET C 66 4.88 -9.64 -7.79
CA MET C 66 4.52 -10.44 -6.62
C MET C 66 3.30 -9.83 -5.95
N GLY C 67 2.68 -10.61 -5.09
CA GLY C 67 1.51 -10.15 -4.39
C GLY C 67 0.74 -11.29 -3.79
N GLN C 68 -0.37 -10.95 -3.14
CA GLN C 68 -1.15 -11.95 -2.45
C GLN C 68 -2.63 -11.83 -2.83
N VAL C 69 -3.34 -12.94 -2.64
CA VAL C 69 -4.75 -13.08 -2.96
C VAL C 69 -5.42 -13.55 -1.68
N VAL C 70 -6.36 -12.78 -1.18
CA VAL C 70 -7.08 -13.14 0.04
C VAL C 70 -8.49 -13.54 -0.36
N SER C 71 -8.90 -14.73 0.06
CA SER C 71 -10.16 -15.33 -0.38
C SER C 71 -10.96 -15.88 0.77
N ARG C 72 -12.26 -16.03 0.53
CA ARG C 72 -13.18 -16.67 1.46
C ARG C 72 -13.73 -17.92 0.76
N GLU C 73 -13.72 -19.04 1.46
CA GLU C 73 -14.24 -20.30 0.95
C GLU C 73 -15.39 -20.75 1.86
N GLY C 74 -16.59 -20.88 1.30
CA GLY C 74 -17.74 -21.31 2.08
C GLY C 74 -19.00 -21.54 1.24
N GLN C 75 -19.86 -22.44 1.71
CA GLN C 75 -21.06 -22.87 0.98
C GLN C 75 -20.74 -23.42 -0.42
N GLY C 76 -19.65 -24.18 -0.53
CA GLY C 76 -19.21 -24.72 -1.80
C GLY C 76 -18.88 -23.68 -2.86
N ARG C 77 -18.31 -22.56 -2.45
CA ARG C 77 -17.91 -21.48 -3.36
C ARG C 77 -16.62 -20.82 -2.89
N ARG C 78 -15.84 -20.30 -3.84
CA ARG C 78 -14.62 -19.56 -3.54
C ARG C 78 -14.81 -18.15 -4.07
N GLU C 79 -14.57 -17.16 -3.22
CA GLU C 79 -14.70 -15.75 -3.59
C GLU C 79 -13.43 -15.00 -3.19
N THR C 80 -12.82 -14.30 -4.14
CA THR C 80 -11.66 -13.46 -3.84
C THR C 80 -12.15 -12.15 -3.21
N LEU C 81 -11.61 -11.81 -2.04
CA LEU C 81 -11.96 -10.57 -1.37
C LEU C 81 -11.13 -9.41 -1.88
N PHE C 82 -9.80 -9.57 -1.84
CA PHE C 82 -8.89 -8.57 -2.38
C PHE C 82 -7.54 -9.17 -2.81
N ARG C 83 -6.87 -8.45 -3.71
CA ARG C 83 -5.54 -8.78 -4.20
C ARG C 83 -4.64 -7.56 -4.01
N CYS C 84 -3.36 -7.79 -3.79
CA CYS C 84 -2.35 -6.73 -3.76
C CYS C 84 -1.28 -7.15 -4.76
N ILE C 85 -0.81 -6.23 -5.60
CA ILE C 85 0.16 -6.54 -6.65
C ILE C 85 1.27 -5.47 -6.68
N ARG C 86 2.52 -5.91 -6.74
CA ARG C 86 3.69 -5.03 -6.86
C ARG C 86 4.62 -5.53 -7.95
N SER C 87 5.04 -4.64 -8.84
CA SER C 87 6.13 -4.95 -9.76
C SER C 87 7.45 -4.92 -9.02
N MET C 88 8.36 -5.83 -9.36
CA MET C 88 9.65 -5.93 -8.66
C MET C 88 10.80 -5.62 -9.61
N PRO C 89 11.87 -5.02 -9.11
CA PRO C 89 13.07 -4.82 -9.92
C PRO C 89 13.87 -6.12 -10.11
N SER C 90 14.81 -6.07 -11.04
CA SER C 90 15.54 -7.27 -11.46
C SER C 90 16.76 -7.61 -10.58
N ASP C 91 17.27 -6.64 -9.82
CA ASP C 91 18.48 -6.87 -9.03
C ASP C 91 18.11 -7.32 -7.62
N PRO C 92 18.62 -8.47 -7.17
CA PRO C 92 18.27 -8.99 -5.83
C PRO C 92 18.45 -8.00 -4.68
N ASP C 93 19.52 -7.19 -4.65
CA ASP C 93 19.75 -6.25 -3.55
C ASP C 93 18.74 -5.10 -3.52
N ARG C 94 18.04 -4.89 -4.63
CA ARG C 94 16.99 -3.86 -4.74
C ARG C 94 15.58 -4.41 -4.64
N ALA C 95 15.40 -5.73 -4.78
CA ALA C 95 14.08 -6.31 -4.97
C ALA C 95 13.37 -6.56 -3.65
N TYR C 96 13.06 -5.49 -2.92
CA TYR C 96 12.25 -5.56 -1.72
C TYR C 96 11.01 -4.69 -1.91
N ASN C 97 9.86 -5.21 -1.52
CA ASN C 97 8.62 -4.46 -1.57
C ASN C 97 7.61 -5.08 -0.64
N SER C 98 6.98 -4.25 0.20
CA SER C 98 5.82 -4.69 0.94
C SER C 98 4.55 -4.41 0.13
N CYS C 99 3.54 -5.25 0.34
CA CYS C 99 2.27 -5.18 -0.35
C CYS C 99 1.15 -5.24 0.70
N TYR C 100 0.46 -4.13 0.89
CA TYR C 100 -0.61 -4.03 1.89
C TYR C 100 -1.95 -3.83 1.18
N SER C 101 -2.97 -4.55 1.66
CA SER C 101 -4.34 -4.27 1.27
C SER C 101 -5.30 -4.63 2.41
N ALA C 102 -6.51 -4.14 2.34
CA ALA C 102 -7.50 -4.35 3.39
C ALA C 102 -8.88 -3.98 2.87
N GLY C 103 -9.90 -4.51 3.53
CA GLY C 103 -11.26 -4.10 3.26
C GLY C 103 -12.19 -4.59 4.34
N VAL C 104 -13.46 -4.29 4.18
CA VAL C 104 -14.49 -4.71 5.13
C VAL C 104 -15.43 -5.67 4.42
N PHE C 105 -15.66 -6.84 5.02
CA PHE C 105 -16.36 -7.96 4.37
C PHE C 105 -17.31 -8.69 5.31
N HIS C 106 -18.43 -9.18 4.77
CA HIS C 106 -19.33 -10.03 5.52
C HIS C 106 -18.82 -11.46 5.45
N LEU C 107 -18.46 -12.01 6.62
CA LEU C 107 -17.93 -13.36 6.73
C LEU C 107 -18.95 -14.23 7.48
N HIS C 108 -19.18 -15.44 6.99
CA HIS C 108 -20.16 -16.35 7.57
C HIS C 108 -19.48 -17.43 8.41
N GLN C 109 -20.17 -17.87 9.45
CA GLN C 109 -19.82 -19.08 10.20
C GLN C 109 -19.51 -20.24 9.26
N GLY C 110 -18.36 -20.88 9.46
CA GLY C 110 -17.91 -21.98 8.63
C GLY C 110 -16.97 -21.60 7.49
N ASP C 111 -16.88 -20.30 7.19
CA ASP C 111 -16.00 -19.83 6.15
C ASP C 111 -14.55 -20.11 6.51
N ILE C 112 -13.72 -20.26 5.48
CA ILE C 112 -12.27 -20.42 5.61
C ILE C 112 -11.65 -19.26 4.85
N ILE C 113 -10.75 -18.51 5.51
CA ILE C 113 -10.02 -17.43 4.87
C ILE C 113 -8.62 -17.93 4.53
N THR C 114 -8.20 -17.68 3.29
CA THR C 114 -6.89 -18.10 2.79
C THR C 114 -6.13 -16.87 2.32
N VAL C 115 -4.82 -16.88 2.54
CA VAL C 115 -3.91 -15.90 1.95
C VAL C 115 -2.91 -16.70 1.14
N LYS C 116 -2.93 -16.50 -0.18
CA LYS C 116 -2.11 -17.28 -1.13
C LYS C 116 -1.26 -16.35 -2.00
N ILE C 117 0.01 -16.72 -2.20
CA ILE C 117 0.89 -16.02 -3.14
C ILE C 117 0.97 -16.95 -4.34
N PRO C 118 0.41 -16.56 -5.49
CA PRO C 118 0.33 -17.44 -6.65
C PRO C 118 1.64 -17.62 -7.45
N ARG C 119 2.72 -17.89 -6.73
CA ARG C 119 3.98 -18.32 -7.30
C ARG C 119 4.52 -19.44 -6.42
N ALA C 120 5.10 -20.46 -7.04
CA ALA C 120 5.79 -21.53 -6.32
C ALA C 120 7.06 -20.96 -5.68
N ASN C 121 7.35 -21.43 -4.47
CA ASN C 121 8.56 -21.06 -3.72
C ASN C 121 8.80 -19.56 -3.73
N ALA C 122 7.78 -18.81 -3.31
CA ALA C 122 7.88 -17.37 -3.19
C ALA C 122 8.79 -17.01 -2.03
N LYS C 123 9.56 -15.94 -2.22
CA LYS C 123 10.55 -15.50 -1.25
C LYS C 123 9.95 -14.35 -0.47
N LEU C 124 9.43 -14.67 0.70
CA LEU C 124 8.82 -13.65 1.54
C LEU C 124 9.32 -13.72 2.97
N SER C 125 9.26 -12.58 3.63
CA SER C 125 9.81 -12.41 4.95
C SER C 125 8.90 -13.04 5.98
N LEU C 126 9.50 -13.74 6.96
CA LEU C 126 8.77 -14.33 8.07
C LEU C 126 8.69 -13.33 9.24
N SER C 127 9.33 -12.18 9.08
CA SER C 127 9.34 -11.14 10.10
C SER C 127 7.91 -10.76 10.49
N PRO C 128 7.62 -10.68 11.79
CA PRO C 128 6.26 -10.35 12.22
C PRO C 128 5.85 -8.91 11.90
N HIS C 129 6.84 -8.04 11.66
CA HIS C 129 6.53 -6.67 11.30
C HIS C 129 6.64 -6.40 9.79
N GLY C 130 6.99 -7.43 9.02
CA GLY C 130 7.00 -7.35 7.57
C GLY C 130 5.79 -8.01 6.94
N THR C 131 5.39 -9.15 7.48
CA THR C 131 4.29 -9.96 6.96
C THR C 131 3.32 -10.25 8.08
N PHE C 132 2.05 -9.91 7.87
CA PHE C 132 1.02 -10.10 8.88
C PHE C 132 -0.41 -10.08 8.33
N LEU C 133 -1.34 -10.56 9.14
CA LEU C 133 -2.74 -10.74 8.74
C LEU C 133 -3.59 -10.44 9.97
N GLY C 134 -4.62 -9.61 9.80
CA GLY C 134 -5.45 -9.21 10.92
C GLY C 134 -6.92 -9.03 10.64
N PHE C 135 -7.70 -9.11 11.72
CA PHE C 135 -9.16 -9.08 11.68
C PHE C 135 -9.66 -8.22 12.83
N VAL C 136 -10.63 -7.35 12.55
CA VAL C 136 -11.40 -6.67 13.59
C VAL C 136 -12.88 -6.83 13.29
N LYS C 137 -13.63 -7.37 14.23
CA LYS C 137 -15.08 -7.51 14.09
C LYS C 137 -15.76 -6.19 14.39
N LEU C 138 -16.56 -5.72 13.45
CA LEU C 138 -17.25 -4.43 13.55
C LEU C 138 -18.70 -4.66 13.95
N SER D 1 5.93 35.17 -12.94
CA SER D 1 4.97 34.07 -12.69
C SER D 1 5.35 32.81 -13.47
N LEU D 2 4.89 31.65 -12.99
CA LEU D 2 5.28 30.35 -13.55
C LEU D 2 4.35 29.93 -14.70
N SER D 3 4.93 29.29 -15.70
CA SER D 3 4.17 28.82 -16.85
C SER D 3 4.39 27.33 -17.07
N CYS D 4 3.30 26.61 -17.31
CA CYS D 4 3.34 25.18 -17.52
C CYS D 4 2.33 24.79 -18.61
N ARG D 5 2.72 25.03 -19.86
CA ARG D 5 1.86 24.80 -21.03
C ARG D 5 2.30 23.54 -21.76
N LYS D 6 1.36 22.65 -22.05
CA LYS D 6 1.66 21.41 -22.75
C LYS D 6 2.25 21.63 -24.15
N GLU D 7 1.91 22.76 -24.77
CA GLU D 7 2.42 23.11 -26.09
C GLU D 7 3.91 23.43 -26.07
N GLN D 8 4.47 23.67 -24.89
CA GLN D 8 5.89 23.94 -24.73
C GLN D 8 6.59 22.85 -23.92
N GLY D 9 5.96 21.66 -23.89
CA GLY D 9 6.56 20.48 -23.32
C GLY D 9 6.52 20.36 -21.80
N LYS D 10 5.53 20.95 -21.17
CA LYS D 10 5.38 20.89 -19.71
C LYS D 10 3.91 20.77 -19.34
N PHE D 11 3.62 20.08 -18.25
CA PHE D 11 2.25 20.06 -17.73
C PHE D 11 2.21 20.05 -16.22
N TYR D 12 1.16 20.63 -15.64
CA TYR D 12 0.93 20.54 -14.22
C TYR D 12 0.25 19.19 -13.93
N ASP D 13 0.96 18.35 -13.20
CA ASP D 13 0.50 17.02 -12.84
C ASP D 13 -0.30 17.13 -11.56
N HIS D 14 -1.62 16.90 -11.64
CA HIS D 14 -2.49 17.03 -10.49
C HIS D 14 -2.41 15.86 -9.50
N LEU D 15 -1.73 14.78 -9.87
CA LEU D 15 -1.48 13.69 -8.93
C LEU D 15 -0.24 14.04 -8.10
N LEU D 16 0.84 14.44 -8.77
CA LEU D 16 2.12 14.74 -8.11
C LEU D 16 2.19 16.15 -7.52
N ARG D 17 1.28 17.02 -7.96
CA ARG D 17 1.21 18.41 -7.54
C ARG D 17 2.49 19.19 -7.88
N ASP D 18 2.93 19.04 -9.13
CA ASP D 18 4.12 19.74 -9.62
C ASP D 18 4.11 19.85 -11.14
N CYS D 19 4.85 20.82 -11.69
CA CYS D 19 5.09 20.92 -13.12
C CYS D 19 6.13 19.88 -13.55
N ILE D 20 5.79 19.11 -14.57
CA ILE D 20 6.61 18.00 -15.06
C ILE D 20 6.99 18.27 -16.52
N SER D 21 8.26 18.05 -16.86
CA SER D 21 8.73 18.13 -18.24
C SER D 21 8.35 16.89 -19.06
N CYS D 22 7.62 17.07 -20.15
CA CYS D 22 7.26 15.96 -21.05
C CYS D 22 8.49 15.20 -21.60
N ALA D 23 9.55 15.92 -21.92
CA ALA D 23 10.75 15.31 -22.51
C ALA D 23 11.35 14.22 -21.60
N SER D 24 11.23 14.44 -20.29
CA SER D 24 11.80 13.54 -19.28
C SER D 24 11.05 12.20 -19.12
N ILE D 25 9.83 12.12 -19.66
CA ILE D 25 8.99 10.95 -19.50
C ILE D 25 8.44 10.39 -20.82
N CYS D 26 8.95 10.86 -21.97
CA CYS D 26 8.41 10.39 -23.26
C CYS D 26 8.53 8.85 -23.37
N GLY D 27 7.43 8.21 -23.80
CA GLY D 27 7.31 6.75 -23.84
C GLY D 27 6.49 6.20 -22.68
N GLN D 28 6.46 6.94 -21.57
CA GLN D 28 5.62 6.66 -20.42
C GLN D 28 4.81 7.90 -20.09
N HIS D 29 4.43 8.63 -21.13
CA HIS D 29 3.79 9.92 -20.94
C HIS D 29 2.28 9.80 -20.91
N PRO D 30 1.62 10.69 -20.17
CA PRO D 30 0.15 10.78 -20.22
C PRO D 30 -0.32 11.61 -21.41
N LYS D 31 -1.64 11.71 -21.56
CA LYS D 31 -2.25 12.36 -22.72
C LYS D 31 -1.83 13.83 -22.91
N GLN D 32 -1.54 14.53 -21.81
CA GLN D 32 -1.11 15.95 -21.87
C GLN D 32 0.11 16.11 -22.75
N CYS D 33 0.96 15.09 -22.75
CA CYS D 33 2.24 15.10 -23.44
C CYS D 33 2.22 14.56 -24.86
N ALA D 34 1.04 14.18 -25.36
CA ALA D 34 0.92 13.57 -26.69
C ALA D 34 1.50 14.45 -27.79
N TYR D 35 1.13 15.73 -27.80
CA TYR D 35 1.61 16.69 -28.80
C TYR D 35 3.13 16.73 -28.84
N PHE D 36 3.74 16.94 -27.67
CA PHE D 36 5.18 17.11 -27.57
C PHE D 36 5.99 15.82 -27.83
N CYS D 37 5.51 14.70 -27.30
CA CYS D 37 6.27 13.45 -27.32
C CYS D 37 6.16 12.68 -28.64
N GLU D 38 4.98 12.68 -29.23
CA GLU D 38 4.79 12.08 -30.56
C GLU D 38 5.37 13.01 -31.62
N CYS E 4 28.07 -8.87 9.70
CA CYS E 4 27.97 -7.76 8.69
C CYS E 4 29.22 -6.88 8.77
N ARG E 5 30.18 -7.18 7.91
CA ARG E 5 31.52 -6.58 7.98
C ARG E 5 31.61 -5.29 7.17
N LYS E 6 31.81 -4.17 7.86
CA LYS E 6 31.95 -2.86 7.22
C LYS E 6 33.18 -2.79 6.32
N GLU E 7 34.23 -3.51 6.69
CA GLU E 7 35.47 -3.58 5.92
C GLU E 7 35.34 -4.35 4.60
N GLN E 8 34.24 -5.10 4.45
CA GLN E 8 33.91 -5.79 3.20
C GLN E 8 32.95 -4.99 2.32
N GLY E 9 32.77 -3.70 2.62
CA GLY E 9 31.91 -2.84 1.84
C GLY E 9 30.44 -3.18 2.05
N LYS E 10 30.06 -3.43 3.29
CA LYS E 10 28.66 -3.73 3.61
C LYS E 10 28.17 -2.87 4.76
N PHE E 11 26.88 -2.60 4.77
CA PHE E 11 26.25 -1.92 5.89
C PHE E 11 24.98 -2.67 6.29
N TYR E 12 24.61 -2.55 7.56
CA TYR E 12 23.36 -3.11 8.03
C TYR E 12 22.23 -2.11 7.79
N ASP E 13 21.25 -2.51 7.00
CA ASP E 13 20.14 -1.65 6.62
C ASP E 13 19.04 -1.85 7.65
N HIS E 14 18.78 -0.83 8.47
CA HIS E 14 17.77 -0.92 9.52
C HIS E 14 16.34 -0.91 9.00
N LEU E 15 16.12 -0.52 7.75
CA LEU E 15 14.80 -0.64 7.13
C LEU E 15 14.57 -2.06 6.66
N LEU E 16 15.55 -2.63 5.98
CA LEU E 16 15.43 -3.97 5.39
C LEU E 16 15.73 -5.09 6.40
N ARG E 17 16.41 -4.75 7.50
CA ARG E 17 16.89 -5.73 8.48
C ARG E 17 17.75 -6.83 7.82
N ASP E 18 18.71 -6.38 7.03
CA ASP E 18 19.56 -7.26 6.20
C ASP E 18 20.89 -6.57 5.95
N CYS E 19 21.93 -7.36 5.67
CA CYS E 19 23.23 -6.81 5.29
C CYS E 19 23.21 -6.52 3.80
N ILE E 20 23.54 -5.30 3.42
CA ILE E 20 23.54 -4.87 2.02
C ILE E 20 24.97 -4.52 1.57
N SER E 21 25.32 -4.93 0.36
CA SER E 21 26.62 -4.59 -0.21
C SER E 21 26.53 -3.23 -0.93
N CYS E 22 27.38 -2.28 -0.56
CA CYS E 22 27.36 -0.94 -1.14
C CYS E 22 27.58 -0.96 -2.66
N ALA E 23 28.42 -1.88 -3.14
CA ALA E 23 28.70 -2.01 -4.57
C ALA E 23 27.46 -2.29 -5.41
N SER E 24 26.49 -3.02 -4.83
CA SER E 24 25.26 -3.37 -5.54
C SER E 24 24.36 -2.17 -5.82
N ILE E 25 24.48 -1.12 -5.01
CA ILE E 25 23.52 -0.01 -5.05
C ILE E 25 24.10 1.38 -5.34
N CYS E 26 25.35 1.47 -5.77
CA CYS E 26 25.98 2.76 -6.04
C CYS E 26 25.21 3.54 -7.10
N GLY E 27 24.91 4.81 -6.79
CA GLY E 27 24.04 5.62 -7.61
C GLY E 27 22.65 5.78 -7.00
N GLN E 28 22.24 4.80 -6.20
CA GLN E 28 20.98 4.84 -5.44
C GLN E 28 21.29 4.52 -3.97
N HIS E 29 22.47 4.89 -3.53
CA HIS E 29 22.99 4.49 -2.22
C HIS E 29 22.58 5.50 -1.14
N PRO E 30 22.37 5.03 0.09
CA PRO E 30 22.13 5.95 1.21
C PRO E 30 23.47 6.43 1.76
N LYS E 31 23.44 7.28 2.78
CA LYS E 31 24.64 7.96 3.28
C LYS E 31 25.70 7.00 3.86
N GLN E 32 25.28 5.84 4.36
CA GLN E 32 26.24 4.83 4.89
C GLN E 32 27.26 4.41 3.84
N CYS E 33 26.83 4.44 2.57
CA CYS E 33 27.67 4.05 1.43
C CYS E 33 28.39 5.21 0.73
N ALA E 34 28.31 6.42 1.29
CA ALA E 34 28.83 7.62 0.63
C ALA E 34 30.31 7.48 0.27
N TYR E 35 31.12 7.14 1.26
CA TYR E 35 32.54 7.03 1.04
C TYR E 35 32.90 5.92 0.04
N PHE E 36 32.30 4.75 0.21
CA PHE E 36 32.55 3.63 -0.69
C PHE E 36 32.21 3.96 -2.14
N CYS E 37 31.04 4.56 -2.35
CA CYS E 37 30.50 4.81 -3.69
C CYS E 37 31.10 6.05 -4.37
N GLU E 38 31.52 7.04 -3.59
CA GLU E 38 32.10 8.27 -4.13
C GLU E 38 33.59 8.12 -4.43
N ASN E 39 34.25 7.21 -3.73
CA ASN E 39 35.66 6.89 -3.97
C ASN E 39 35.78 5.58 -4.74
N CYS F 4 -4.33 -18.84 -24.74
CA CYS F 4 -3.18 -18.71 -23.78
C CYS F 4 -2.30 -19.95 -23.81
N ARG F 5 -1.83 -20.30 -25.00
CA ARG F 5 -1.12 -21.56 -25.20
C ARG F 5 0.32 -21.51 -24.69
N LYS F 6 0.73 -22.57 -24.01
CA LYS F 6 2.12 -22.73 -23.55
C LYS F 6 3.09 -22.94 -24.73
N GLU F 7 2.57 -23.33 -25.89
CA GLU F 7 3.37 -23.49 -27.10
C GLU F 7 3.79 -22.15 -27.72
N GLN F 8 3.07 -21.08 -27.39
CA GLN F 8 3.39 -19.73 -27.84
C GLN F 8 4.15 -18.95 -26.77
N GLY F 9 4.63 -19.64 -25.74
CA GLY F 9 5.38 -19.04 -24.67
C GLY F 9 4.55 -18.11 -23.82
N LYS F 10 3.30 -18.53 -23.55
CA LYS F 10 2.38 -17.73 -22.73
C LYS F 10 1.83 -18.59 -21.59
N PHE F 11 1.51 -17.95 -20.48
CA PHE F 11 0.90 -18.63 -19.34
C PHE F 11 -0.15 -17.72 -18.69
N TYR F 12 -1.11 -18.34 -18.02
CA TYR F 12 -2.12 -17.57 -17.30
C TYR F 12 -1.63 -17.36 -15.88
N ASP F 13 -1.49 -16.09 -15.52
CA ASP F 13 -1.05 -15.67 -14.21
C ASP F 13 -2.25 -15.48 -13.29
N HIS F 14 -2.35 -16.33 -12.27
CA HIS F 14 -3.47 -16.32 -11.34
C HIS F 14 -3.44 -15.17 -10.32
N LEU F 15 -2.31 -14.46 -10.19
CA LEU F 15 -2.28 -13.22 -9.42
C LEU F 15 -2.82 -12.06 -10.24
N LEU F 16 -2.35 -11.95 -11.48
CA LEU F 16 -2.69 -10.83 -12.36
C LEU F 16 -4.02 -11.03 -13.07
N ARG F 17 -4.48 -12.27 -13.12
CA ARG F 17 -5.65 -12.67 -13.88
C ARG F 17 -5.56 -12.24 -15.34
N ASP F 18 -4.42 -12.55 -15.95
CA ASP F 18 -4.12 -12.10 -17.30
C ASP F 18 -3.11 -13.04 -17.95
N CYS F 19 -3.10 -13.07 -19.28
CA CYS F 19 -2.11 -13.87 -20.00
C CYS F 19 -0.83 -13.07 -20.15
N ILE F 20 0.29 -13.70 -19.84
CA ILE F 20 1.61 -13.06 -19.81
C ILE F 20 2.52 -13.82 -20.77
N SER F 21 3.33 -13.09 -21.52
CA SER F 21 4.33 -13.70 -22.41
C SER F 21 5.66 -13.95 -21.68
N CYS F 22 6.14 -15.19 -21.68
CA CYS F 22 7.43 -15.54 -21.09
C CYS F 22 8.59 -14.71 -21.64
N ALA F 23 8.51 -14.33 -22.91
CA ALA F 23 9.58 -13.60 -23.58
C ALA F 23 9.77 -12.18 -23.01
N SER F 24 8.73 -11.65 -22.36
CA SER F 24 8.78 -10.37 -21.69
C SER F 24 9.58 -10.38 -20.38
N ILE F 25 9.71 -11.55 -19.75
CA ILE F 25 10.15 -11.62 -18.36
C ILE F 25 11.24 -12.62 -18.01
N CYS F 26 11.97 -13.17 -18.97
CA CYS F 26 13.05 -14.11 -18.61
C CYS F 26 14.09 -13.39 -17.72
N GLY F 27 14.53 -14.08 -16.66
CA GLY F 27 15.36 -13.49 -15.61
C GLY F 27 14.56 -13.03 -14.38
N GLN F 28 13.28 -12.77 -14.57
CA GLN F 28 12.37 -12.39 -13.48
C GLN F 28 11.13 -13.28 -13.60
N HIS F 29 11.34 -14.51 -14.03
CA HIS F 29 10.20 -15.37 -14.39
C HIS F 29 9.80 -16.30 -13.27
N PRO F 30 8.51 -16.60 -13.18
CA PRO F 30 8.01 -17.64 -12.29
C PRO F 30 8.23 -19.04 -12.85
N LYS F 31 7.86 -20.06 -12.09
CA LYS F 31 8.10 -21.45 -12.47
C LYS F 31 7.43 -21.86 -13.78
N GLN F 32 6.31 -21.20 -14.12
CA GLN F 32 5.56 -21.50 -15.36
C GLN F 32 6.38 -21.22 -16.62
N CYS F 33 7.32 -20.29 -16.53
CA CYS F 33 8.20 -19.91 -17.64
C CYS F 33 9.57 -20.56 -17.66
N ALA F 34 9.87 -21.40 -16.67
CA ALA F 34 11.21 -21.99 -16.53
C ALA F 34 11.69 -22.73 -17.79
N TYR F 35 10.83 -23.56 -18.35
CA TYR F 35 11.21 -24.34 -19.53
C TYR F 35 11.51 -23.42 -20.72
N PHE F 36 10.62 -22.47 -20.96
CA PHE F 36 10.79 -21.53 -22.07
C PHE F 36 12.09 -20.74 -21.91
N CYS F 37 12.33 -20.20 -20.72
CA CYS F 37 13.48 -19.33 -20.52
C CYS F 37 14.81 -20.11 -20.60
N GLU F 38 14.77 -21.38 -20.24
CA GLU F 38 15.92 -22.27 -20.37
C GLU F 38 16.24 -22.62 -21.83
N ASN F 39 15.21 -22.80 -22.65
CA ASN F 39 15.36 -23.44 -23.95
C ASN F 39 15.09 -22.54 -25.17
N LYS F 40 14.85 -21.24 -24.94
CA LYS F 40 14.44 -20.33 -26.01
C LYS F 40 15.47 -20.15 -27.13
N LEU F 41 16.75 -20.31 -26.79
CA LEU F 41 17.82 -20.19 -27.79
C LEU F 41 18.51 -21.52 -28.09
N ARG F 42 17.85 -22.63 -27.76
CA ARG F 42 18.31 -23.94 -28.17
C ARG F 42 17.87 -24.23 -29.61
#